data_2N2C
#
_entry.id   2N2C
#
_entity_poly.entity_id   1
_entity_poly.type   'polypeptide(L)'
_entity_poly.pdbx_seq_one_letter_code
;MGGGMNFGAFSINPAMMAAAQAALQSSWGMMGMLASQQNQSGP
;
_entity_poly.pdbx_strand_id   A
#
# COMPACT_ATOMS: atom_id res chain seq x y z
N MET A 1 13.33 0.89 3.23
CA MET A 1 14.28 -0.05 3.86
C MET A 1 15.45 -0.26 2.90
N GLY A 2 16.18 -1.39 2.93
CA GLY A 2 17.36 -1.61 2.08
C GLY A 2 17.02 -1.85 0.61
N GLY A 3 16.98 -0.79 -0.20
CA GLY A 3 16.71 -0.83 -1.65
C GLY A 3 16.30 0.53 -2.21
N GLY A 4 15.89 0.59 -3.47
CA GLY A 4 15.52 1.83 -4.18
C GLY A 4 14.15 2.44 -3.83
N MET A 5 13.50 1.94 -2.77
CA MET A 5 12.31 2.50 -2.07
C MET A 5 11.09 2.97 -2.90
N ASN A 6 11.01 2.65 -4.19
CA ASN A 6 9.93 3.12 -5.08
C ASN A 6 8.60 2.38 -4.84
N PHE A 7 8.52 1.10 -5.19
CA PHE A 7 7.27 0.31 -5.09
C PHE A 7 7.31 -0.83 -4.06
N GLY A 8 8.48 -1.18 -3.52
CA GLY A 8 8.67 -2.34 -2.64
C GLY A 8 8.53 -3.72 -3.29
N ALA A 9 7.71 -3.86 -4.34
CA ALA A 9 7.41 -5.11 -5.06
C ALA A 9 8.37 -5.43 -6.22
N PHE A 10 9.18 -4.45 -6.63
CA PHE A 10 10.23 -4.60 -7.65
C PHE A 10 11.49 -3.85 -7.20
N SER A 11 11.36 -2.54 -6.94
CA SER A 11 12.46 -1.62 -6.61
C SER A 11 13.09 -1.81 -5.22
N ILE A 12 12.87 -2.96 -4.58
CA ILE A 12 13.57 -3.41 -3.37
C ILE A 12 13.81 -4.93 -3.46
N ASN A 13 12.73 -5.70 -3.67
CA ASN A 13 12.69 -7.16 -3.65
C ASN A 13 11.54 -7.65 -4.55
N PRO A 14 11.56 -8.92 -5.02
CA PRO A 14 10.45 -9.51 -5.77
C PRO A 14 9.23 -9.69 -4.87
N ALA A 15 8.23 -8.81 -5.00
CA ALA A 15 7.04 -8.64 -4.14
C ALA A 15 7.29 -8.33 -2.65
N MET A 16 8.35 -8.87 -2.04
CA MET A 16 8.51 -9.10 -0.60
C MET A 16 8.23 -7.89 0.29
N MET A 17 8.77 -6.71 -0.04
CA MET A 17 8.68 -5.54 0.82
C MET A 17 7.30 -4.87 0.70
N ALA A 18 6.71 -4.82 -0.49
CA ALA A 18 5.33 -4.37 -0.66
C ALA A 18 4.36 -5.33 0.03
N ALA A 19 4.54 -6.65 -0.12
CA ALA A 19 3.71 -7.64 0.55
C ALA A 19 3.79 -7.52 2.08
N ALA A 20 5.00 -7.40 2.65
CA ALA A 20 5.18 -7.23 4.10
C ALA A 20 4.56 -5.93 4.63
N GLN A 21 4.62 -4.82 3.87
CA GLN A 21 4.02 -3.54 4.25
C GLN A 21 2.49 -3.54 4.09
N ALA A 22 1.97 -4.12 2.99
CA ALA A 22 0.55 -4.10 2.65
C ALA A 22 -0.26 -5.20 3.34
N ALA A 23 0.34 -6.31 3.78
CA ALA A 23 -0.36 -7.44 4.39
C ALA A 23 -1.27 -7.03 5.56
N LEU A 24 -0.77 -6.19 6.47
CA LEU A 24 -1.57 -5.68 7.59
C LEU A 24 -2.25 -4.35 7.24
N GLN A 25 -1.60 -3.52 6.42
CA GLN A 25 -2.15 -2.22 6.03
C GLN A 25 -3.44 -2.34 5.21
N SER A 26 -3.62 -3.43 4.45
CA SER A 26 -4.86 -3.72 3.71
C SER A 26 -6.11 -3.73 4.59
N SER A 27 -5.98 -4.15 5.86
CA SER A 27 -7.09 -4.14 6.83
C SER A 27 -7.58 -2.72 7.12
N TRP A 28 -6.64 -1.80 7.34
CA TRP A 28 -6.92 -0.36 7.48
C TRP A 28 -7.30 0.28 6.15
N GLY A 29 -6.75 -0.22 5.04
CA GLY A 29 -7.10 0.16 3.67
C GLY A 29 -8.57 -0.07 3.36
N MET A 30 -9.22 -1.12 3.91
CA MET A 30 -10.64 -1.39 3.67
C MET A 30 -11.54 -0.22 4.06
N MET A 31 -11.34 0.40 5.23
CA MET A 31 -12.10 1.59 5.60
C MET A 31 -11.71 2.82 4.78
N GLY A 32 -10.41 2.97 4.44
CA GLY A 32 -9.90 4.10 3.65
C GLY A 32 -10.43 4.11 2.21
N MET A 33 -10.55 2.93 1.58
CA MET A 33 -11.10 2.75 0.23
C MET A 33 -12.60 3.04 0.17
N LEU A 34 -13.37 2.65 1.21
CA LEU A 34 -14.81 2.94 1.28
C LEU A 34 -15.07 4.42 1.56
N ALA A 35 -14.35 5.02 2.52
CA ALA A 35 -14.46 6.45 2.82
C ALA A 35 -14.05 7.33 1.62
N SER A 36 -12.92 7.04 0.98
CA SER A 36 -12.39 7.84 -0.13
C SER A 36 -13.10 7.58 -1.47
N GLN A 37 -14.09 6.69 -1.54
CA GLN A 37 -14.91 6.45 -2.74
C GLN A 37 -16.09 7.41 -2.85
N GLN A 38 -16.76 7.75 -1.75
CA GLN A 38 -17.98 8.61 -1.75
C GLN A 38 -18.04 9.63 -0.60
N ASN A 39 -17.12 9.59 0.37
CA ASN A 39 -17.13 10.48 1.54
C ASN A 39 -15.93 11.45 1.58
N GLN A 40 -14.80 11.09 0.95
CA GLN A 40 -13.59 11.92 0.80
C GLN A 40 -12.91 11.73 -0.58
N SER A 41 -13.68 11.46 -1.63
CA SER A 41 -13.15 11.32 -3.00
C SER A 41 -12.62 12.65 -3.53
N GLY A 42 -11.30 12.73 -3.76
CA GLY A 42 -10.60 13.89 -4.30
C GLY A 42 -10.25 13.79 -5.79
N PRO A 43 -9.59 14.83 -6.35
CA PRO A 43 -9.01 14.82 -7.69
C PRO A 43 -7.64 14.11 -7.75
N MET A 1 20.15 -3.13 -3.21
CA MET A 1 20.50 -2.56 -4.53
C MET A 1 19.31 -1.72 -4.97
N GLY A 2 19.52 -0.46 -5.36
CA GLY A 2 18.44 0.54 -5.39
C GLY A 2 18.17 1.18 -4.02
N GLY A 3 17.34 2.24 -4.00
CA GLY A 3 17.20 3.22 -2.90
C GLY A 3 16.47 2.75 -1.65
N GLY A 4 16.27 1.45 -1.44
CA GLY A 4 15.72 0.88 -0.19
C GLY A 4 14.24 1.15 0.08
N MET A 5 13.59 2.05 -0.64
CA MET A 5 12.17 2.45 -0.46
C MET A 5 11.37 2.50 -1.79
N ASN A 6 11.91 1.94 -2.88
CA ASN A 6 11.42 2.19 -4.25
C ASN A 6 10.05 1.57 -4.61
N PHE A 7 9.70 0.40 -4.07
CA PHE A 7 8.40 -0.27 -4.37
C PHE A 7 8.13 -1.44 -3.39
N GLY A 8 9.16 -2.23 -3.09
CA GLY A 8 9.08 -3.35 -2.14
C GLY A 8 8.58 -4.68 -2.69
N ALA A 9 7.94 -4.69 -3.87
CA ALA A 9 7.50 -5.91 -4.56
C ALA A 9 8.66 -6.61 -5.29
N PHE A 10 9.66 -5.83 -5.71
CA PHE A 10 10.89 -6.33 -6.32
C PHE A 10 12.07 -5.37 -6.03
N SER A 11 11.82 -4.05 -6.19
CA SER A 11 12.79 -2.96 -6.10
C SER A 11 13.39 -2.67 -4.70
N ILE A 12 13.26 -3.61 -3.76
CA ILE A 12 13.88 -3.60 -2.41
C ILE A 12 14.20 -5.04 -1.99
N ASN A 13 13.21 -5.93 -2.13
CA ASN A 13 13.22 -7.35 -1.78
C ASN A 13 12.27 -8.12 -2.73
N PRO A 14 12.42 -9.45 -2.86
CA PRO A 14 11.49 -10.31 -3.61
C PRO A 14 10.14 -10.39 -2.88
N ALA A 15 9.16 -9.60 -3.29
CA ALA A 15 7.83 -9.36 -2.69
C ALA A 15 7.81 -8.85 -1.23
N MET A 16 8.79 -9.21 -0.40
CA MET A 16 8.74 -9.16 1.07
C MET A 16 8.35 -7.79 1.65
N MET A 17 8.82 -6.68 1.04
CA MET A 17 8.55 -5.33 1.60
C MET A 17 7.17 -4.80 1.20
N ALA A 18 6.74 -4.99 -0.04
CA ALA A 18 5.37 -4.62 -0.44
C ALA A 18 4.34 -5.50 0.27
N ALA A 19 4.62 -6.81 0.41
CA ALA A 19 3.77 -7.70 1.19
C ALA A 19 3.69 -7.28 2.67
N ALA A 20 4.81 -7.01 3.33
CA ALA A 20 4.82 -6.58 4.74
C ALA A 20 4.09 -5.25 4.99
N GLN A 21 4.16 -4.29 4.06
CA GLN A 21 3.42 -3.03 4.15
C GLN A 21 1.93 -3.21 3.80
N ALA A 22 1.61 -3.87 2.68
CA ALA A 22 0.24 -3.99 2.21
C ALA A 22 -0.61 -5.01 3.00
N ALA A 23 0.02 -5.96 3.72
CA ALA A 23 -0.66 -6.99 4.51
C ALA A 23 -1.73 -6.41 5.45
N LEU A 24 -1.37 -5.38 6.23
CA LEU A 24 -2.31 -4.73 7.16
C LEU A 24 -3.02 -3.55 6.49
N GLN A 25 -2.31 -2.82 5.61
CA GLN A 25 -2.87 -1.66 4.91
C GLN A 25 -4.05 -2.02 4.01
N SER A 26 -4.11 -3.25 3.46
CA SER A 26 -5.28 -3.74 2.71
C SER A 26 -6.58 -3.72 3.55
N SER A 27 -6.47 -4.01 4.86
CA SER A 27 -7.63 -3.97 5.78
C SER A 27 -8.10 -2.54 6.05
N TRP A 28 -7.16 -1.61 6.19
CA TRP A 28 -7.47 -0.17 6.31
C TRP A 28 -8.01 0.40 4.99
N GLY A 29 -7.45 -0.03 3.86
CA GLY A 29 -7.87 0.33 2.51
C GLY A 29 -9.27 -0.15 2.15
N MET A 30 -9.71 -1.33 2.63
CA MET A 30 -11.08 -1.81 2.47
C MET A 30 -12.12 -0.80 2.99
N MET A 31 -11.87 -0.17 4.15
CA MET A 31 -12.75 0.86 4.69
C MET A 31 -12.49 2.24 4.06
N GLY A 32 -11.22 2.58 3.85
CA GLY A 32 -10.78 3.86 3.29
C GLY A 32 -11.29 4.08 1.85
N MET A 33 -11.27 3.06 0.99
CA MET A 33 -11.78 3.16 -0.38
C MET A 33 -13.30 3.35 -0.45
N LEU A 34 -14.05 2.80 0.51
CA LEU A 34 -15.50 3.00 0.59
C LEU A 34 -15.85 4.39 1.13
N ALA A 35 -15.18 4.83 2.19
CA ALA A 35 -15.35 6.16 2.76
C ALA A 35 -14.93 7.25 1.74
N SER A 36 -13.75 7.15 1.13
CA SER A 36 -13.23 8.16 0.19
C SER A 36 -13.81 8.06 -1.23
N GLN A 37 -14.79 7.19 -1.49
CA GLN A 37 -15.55 7.17 -2.74
C GLN A 37 -16.73 8.17 -2.72
N GLN A 38 -17.53 8.19 -1.65
CA GLN A 38 -18.76 9.01 -1.58
C GLN A 38 -18.93 9.78 -0.25
N ASN A 39 -18.05 9.60 0.73
CA ASN A 39 -18.06 10.29 2.02
C ASN A 39 -16.90 11.29 2.19
N GLN A 40 -15.73 11.02 1.58
CA GLN A 40 -14.52 11.87 1.60
C GLN A 40 -13.75 11.84 0.28
N SER A 41 -14.45 11.95 -0.86
CA SER A 41 -13.85 12.03 -2.19
C SER A 41 -13.22 13.41 -2.45
N GLY A 42 -11.93 13.54 -2.14
CA GLY A 42 -11.12 14.75 -2.40
C GLY A 42 -10.56 14.84 -3.82
N PRO A 43 -10.00 16.02 -4.20
CA PRO A 43 -9.23 16.23 -5.43
C PRO A 43 -7.78 15.74 -5.33
N MET A 1 12.20 -0.33 3.26
CA MET A 1 13.07 -0.01 4.40
C MET A 1 14.51 -0.01 3.89
N GLY A 2 15.38 -0.94 4.28
CA GLY A 2 16.67 -1.10 3.57
C GLY A 2 16.45 -1.44 2.10
N GLY A 3 17.14 -0.75 1.19
CA GLY A 3 17.08 -0.95 -0.25
C GLY A 3 16.50 0.24 -1.02
N GLY A 4 16.22 0.08 -2.32
CA GLY A 4 15.94 1.17 -3.26
C GLY A 4 14.68 2.03 -3.02
N MET A 5 13.85 1.71 -2.02
CA MET A 5 12.67 2.48 -1.56
C MET A 5 11.60 2.88 -2.61
N ASN A 6 11.71 2.42 -3.86
CA ASN A 6 10.80 2.74 -4.95
C ASN A 6 9.48 1.96 -4.83
N PHE A 7 9.37 0.79 -5.47
CA PHE A 7 8.10 0.08 -5.63
C PHE A 7 7.85 -1.02 -4.61
N GLY A 8 8.90 -1.53 -3.96
CA GLY A 8 8.84 -2.68 -3.05
C GLY A 8 8.49 -4.03 -3.67
N ALA A 9 7.72 -4.07 -4.77
CA ALA A 9 7.26 -5.27 -5.46
C ALA A 9 8.28 -5.84 -6.46
N PHE A 10 9.23 -5.03 -6.89
CA PHE A 10 10.32 -5.43 -7.78
C PHE A 10 11.58 -4.58 -7.54
N SER A 11 11.43 -3.26 -7.54
CA SER A 11 12.52 -2.26 -7.35
C SER A 11 13.02 -2.13 -5.89
N ILE A 12 12.97 -3.25 -5.12
CA ILE A 12 13.69 -3.48 -3.85
C ILE A 12 13.95 -4.99 -3.66
N ASN A 13 12.93 -5.81 -3.91
CA ASN A 13 12.93 -7.27 -3.76
C ASN A 13 11.82 -7.87 -4.66
N PRO A 14 11.88 -9.18 -4.99
CA PRO A 14 10.80 -9.87 -5.70
C PRO A 14 9.56 -9.99 -4.79
N ALA A 15 8.56 -9.14 -4.99
CA ALA A 15 7.35 -8.92 -4.17
C ALA A 15 7.57 -8.51 -2.70
N MET A 16 8.61 -9.02 -2.04
CA MET A 16 8.78 -9.10 -0.57
C MET A 16 8.50 -7.80 0.20
N MET A 17 9.00 -6.66 -0.28
CA MET A 17 8.86 -5.37 0.43
C MET A 17 7.44 -4.80 0.28
N ALA A 18 6.85 -4.89 -0.91
CA ALA A 18 5.46 -4.46 -1.11
C ALA A 18 4.48 -5.38 -0.37
N ALA A 19 4.71 -6.70 -0.40
CA ALA A 19 3.93 -7.66 0.35
C ALA A 19 4.00 -7.40 1.86
N ALA A 20 5.20 -7.21 2.43
CA ALA A 20 5.38 -6.93 3.85
C ALA A 20 4.71 -5.62 4.32
N GLN A 21 4.81 -4.54 3.54
CA GLN A 21 4.12 -3.28 3.86
C GLN A 21 2.60 -3.37 3.64
N ALA A 22 2.14 -4.00 2.56
CA ALA A 22 0.72 -4.04 2.22
C ALA A 22 -0.09 -5.09 2.98
N ALA A 23 0.55 -6.13 3.55
CA ALA A 23 -0.11 -7.22 4.25
C ALA A 23 -1.05 -6.74 5.37
N LEU A 24 -0.60 -5.78 6.20
CA LEU A 24 -1.40 -5.21 7.28
C LEU A 24 -2.12 -3.93 6.82
N GLN A 25 -1.49 -3.15 5.93
CA GLN A 25 -2.09 -1.91 5.40
C GLN A 25 -3.37 -2.19 4.63
N SER A 26 -3.52 -3.34 3.97
CA SER A 26 -4.77 -3.72 3.28
C SER A 26 -5.98 -3.70 4.22
N SER A 27 -5.82 -4.16 5.47
CA SER A 27 -6.87 -4.18 6.49
C SER A 27 -7.29 -2.77 6.94
N TRP A 28 -6.37 -1.81 6.92
CA TRP A 28 -6.66 -0.39 7.22
C TRP A 28 -7.23 0.33 5.99
N GLY A 29 -6.67 0.03 4.82
CA GLY A 29 -7.09 0.49 3.50
C GLY A 29 -8.53 0.15 3.18
N MET A 30 -9.09 -0.97 3.69
CA MET A 30 -10.52 -1.27 3.56
C MET A 30 -11.41 -0.11 4.03
N MET A 31 -11.06 0.53 5.16
CA MET A 31 -11.83 1.66 5.69
C MET A 31 -11.53 2.94 4.92
N GLY A 32 -10.27 3.17 4.54
CA GLY A 32 -9.86 4.29 3.70
C GLY A 32 -10.53 4.32 2.33
N MET A 33 -10.66 3.15 1.68
CA MET A 33 -11.35 2.99 0.40
C MET A 33 -12.83 3.38 0.51
N LEU A 34 -13.54 2.88 1.53
CA LEU A 34 -14.97 3.18 1.72
C LEU A 34 -15.20 4.65 2.10
N ALA A 35 -14.32 5.24 2.92
CA ALA A 35 -14.37 6.66 3.24
C ALA A 35 -14.10 7.53 2.00
N SER A 36 -13.00 7.30 1.29
CA SER A 36 -12.61 8.12 0.13
C SER A 36 -13.39 7.81 -1.16
N GLN A 37 -14.28 6.81 -1.16
CA GLN A 37 -15.22 6.56 -2.26
C GLN A 37 -16.43 7.53 -2.26
N GLN A 38 -16.85 8.01 -1.08
CA GLN A 38 -18.09 8.81 -0.93
C GLN A 38 -18.01 9.90 0.12
N ASN A 39 -17.29 9.70 1.22
CA ASN A 39 -17.19 10.66 2.33
C ASN A 39 -16.04 11.66 2.14
N GLN A 40 -15.00 11.28 1.40
CA GLN A 40 -13.86 12.13 0.98
C GLN A 40 -13.37 11.72 -0.43
N SER A 41 -14.28 11.69 -1.40
CA SER A 41 -13.92 11.51 -2.82
C SER A 41 -13.43 12.83 -3.43
N GLY A 42 -12.50 12.74 -4.38
CA GLY A 42 -11.83 13.90 -5.01
C GLY A 42 -11.52 13.66 -6.50
N PRO A 43 -11.06 14.71 -7.20
CA PRO A 43 -10.68 14.67 -8.62
C PRO A 43 -9.26 14.11 -8.85
N MET A 1 18.03 1.70 1.13
CA MET A 1 17.07 1.56 2.26
C MET A 1 16.32 0.27 2.02
N GLY A 2 16.82 -0.84 2.57
CA GLY A 2 16.77 -2.08 1.77
C GLY A 2 17.44 -1.81 0.42
N GLY A 3 16.81 -2.25 -0.68
CA GLY A 3 17.22 -1.92 -2.04
C GLY A 3 16.91 -0.48 -2.49
N GLY A 4 16.57 -0.31 -3.78
CA GLY A 4 16.36 0.98 -4.45
C GLY A 4 15.02 1.67 -4.19
N MET A 5 14.16 1.09 -3.33
CA MET A 5 12.82 1.57 -2.91
C MET A 5 11.76 1.87 -3.98
N ASN A 6 12.09 1.99 -5.27
CA ASN A 6 11.26 2.57 -6.36
C ASN A 6 9.90 1.86 -6.66
N PHE A 7 9.48 0.87 -5.88
CA PHE A 7 8.14 0.24 -5.97
C PHE A 7 7.77 -0.60 -4.73
N GLY A 8 8.74 -1.02 -3.91
CA GLY A 8 8.52 -1.96 -2.79
C GLY A 8 8.30 -3.42 -3.23
N ALA A 9 7.61 -3.66 -4.35
CA ALA A 9 7.23 -5.00 -4.79
C ALA A 9 8.21 -5.69 -5.76
N PHE A 10 9.17 -4.95 -6.32
CA PHE A 10 10.22 -5.55 -7.16
C PHE A 10 11.53 -4.76 -7.14
N SER A 11 11.44 -3.42 -7.26
CA SER A 11 12.57 -2.46 -7.34
C SER A 11 13.41 -2.31 -6.06
N ILE A 12 13.34 -3.29 -5.16
CA ILE A 12 14.00 -3.31 -3.85
C ILE A 12 14.13 -4.77 -3.35
N ASN A 13 13.04 -5.54 -3.42
CA ASN A 13 12.96 -6.95 -3.01
C ASN A 13 11.86 -7.66 -3.84
N PRO A 14 11.91 -8.99 -4.00
CA PRO A 14 10.86 -9.76 -4.68
C PRO A 14 9.58 -9.79 -3.81
N ALA A 15 8.64 -8.90 -4.10
CA ALA A 15 7.38 -8.64 -3.37
C ALA A 15 7.48 -8.24 -1.88
N MET A 16 8.59 -8.52 -1.19
CA MET A 16 8.70 -8.45 0.29
C MET A 16 8.24 -7.14 0.89
N MET A 17 8.76 -6.00 0.43
CA MET A 17 8.56 -4.71 1.13
C MET A 17 7.17 -4.15 0.88
N ALA A 18 6.65 -4.22 -0.35
CA ALA A 18 5.27 -3.83 -0.63
C ALA A 18 4.27 -4.76 0.06
N ALA A 19 4.51 -6.08 0.13
CA ALA A 19 3.64 -6.98 0.86
C ALA A 19 3.66 -6.69 2.38
N ALA A 20 4.84 -6.45 2.98
CA ALA A 20 4.95 -6.11 4.40
C ALA A 20 4.23 -4.80 4.75
N GLN A 21 4.34 -3.76 3.91
CA GLN A 21 3.59 -2.52 4.09
C GLN A 21 2.09 -2.70 3.84
N ALA A 22 1.69 -3.37 2.76
CA ALA A 22 0.29 -3.46 2.37
C ALA A 22 -0.51 -4.53 3.13
N ALA A 23 0.12 -5.50 3.79
CA ALA A 23 -0.54 -6.58 4.54
C ALA A 23 -1.56 -6.06 5.54
N LEU A 24 -1.17 -5.10 6.39
CA LEU A 24 -2.06 -4.42 7.32
C LEU A 24 -2.73 -3.17 6.73
N GLN A 25 -2.11 -2.50 5.75
CA GLN A 25 -2.70 -1.33 5.11
C GLN A 25 -3.96 -1.67 4.30
N SER A 26 -4.08 -2.90 3.81
CA SER A 26 -5.27 -3.40 3.10
C SER A 26 -6.52 -3.31 3.98
N SER A 27 -6.40 -3.54 5.31
CA SER A 27 -7.50 -3.41 6.26
C SER A 27 -7.99 -1.97 6.37
N TRP A 28 -7.07 -1.02 6.58
CA TRP A 28 -7.39 0.41 6.64
C TRP A 28 -7.91 0.95 5.30
N GLY A 29 -7.35 0.44 4.19
CA GLY A 29 -7.78 0.73 2.81
C GLY A 29 -9.21 0.29 2.50
N MET A 30 -9.76 -0.72 3.19
CA MET A 30 -11.16 -1.10 3.01
C MET A 30 -12.12 0.03 3.44
N MET A 31 -11.76 0.81 4.45
CA MET A 31 -12.52 2.00 4.83
C MET A 31 -12.22 3.20 3.94
N GLY A 32 -10.95 3.37 3.55
CA GLY A 32 -10.53 4.41 2.58
C GLY A 32 -11.29 4.32 1.25
N MET A 33 -11.20 3.19 0.55
CA MET A 33 -11.83 3.01 -0.76
C MET A 33 -13.36 3.28 -0.77
N LEU A 34 -14.05 2.98 0.33
CA LEU A 34 -15.49 3.25 0.47
C LEU A 34 -15.77 4.73 0.81
N ALA A 35 -14.95 5.33 1.68
CA ALA A 35 -15.06 6.74 2.05
C ALA A 35 -14.59 7.71 0.96
N SER A 36 -13.73 7.27 0.04
CA SER A 36 -13.24 8.08 -1.08
C SER A 36 -14.18 8.01 -2.29
N GLN A 37 -14.68 6.80 -2.65
CA GLN A 37 -15.56 6.56 -3.81
C GLN A 37 -16.82 7.44 -3.91
N GLN A 38 -17.47 7.75 -2.78
CA GLN A 38 -18.71 8.57 -2.76
C GLN A 38 -18.78 9.60 -1.60
N ASN A 39 -17.75 9.68 -0.76
CA ASN A 39 -17.62 10.72 0.27
C ASN A 39 -16.34 11.57 0.12
N GLN A 40 -15.43 11.23 -0.80
CA GLN A 40 -14.15 11.93 -1.07
C GLN A 40 -13.29 12.19 0.20
N SER A 41 -13.39 11.32 1.20
CA SER A 41 -12.80 11.53 2.54
C SER A 41 -11.35 11.07 2.69
N GLY A 42 -10.61 10.95 1.57
CA GLY A 42 -9.25 10.41 1.53
C GLY A 42 -8.78 10.05 0.12
N PRO A 43 -7.66 9.30 0.01
CA PRO A 43 -7.24 8.58 -1.19
C PRO A 43 -8.00 7.25 -1.39
N MET A 1 14.55 -1.06 -9.29
CA MET A 1 15.59 -0.02 -9.45
C MET A 1 16.79 -0.39 -8.61
N GLY A 2 17.08 0.27 -7.48
CA GLY A 2 18.24 -0.08 -6.63
C GLY A 2 18.48 0.95 -5.51
N GLY A 3 17.51 1.08 -4.60
CA GLY A 3 17.47 2.22 -3.68
C GLY A 3 16.73 1.98 -2.36
N GLY A 4 16.76 0.77 -1.83
CA GLY A 4 16.34 0.40 -0.46
C GLY A 4 14.84 0.50 -0.11
N MET A 5 14.10 1.47 -0.63
CA MET A 5 12.63 1.58 -0.52
C MET A 5 11.96 1.97 -1.85
N ASN A 6 12.68 1.87 -2.97
CA ASN A 6 12.29 2.32 -4.32
C ASN A 6 11.12 1.51 -4.98
N PHE A 7 10.31 0.76 -4.20
CA PHE A 7 8.99 0.18 -4.53
C PHE A 7 8.46 -0.73 -3.40
N GLY A 8 9.34 -1.26 -2.52
CA GLY A 8 9.00 -2.27 -1.51
C GLY A 8 8.75 -3.69 -2.08
N ALA A 9 8.11 -3.81 -3.24
CA ALA A 9 7.70 -5.12 -3.81
C ALA A 9 8.71 -5.76 -4.79
N PHE A 10 9.75 -5.03 -5.21
CA PHE A 10 10.83 -5.61 -6.04
C PHE A 10 12.15 -4.83 -5.95
N SER A 11 12.09 -3.48 -5.90
CA SER A 11 13.26 -2.62 -5.80
C SER A 11 14.04 -2.65 -4.47
N ILE A 12 13.77 -3.65 -3.62
CA ILE A 12 14.38 -3.87 -2.30
C ILE A 12 14.42 -5.38 -1.98
N ASN A 13 13.25 -6.04 -2.07
CA ASN A 13 13.05 -7.46 -1.77
C ASN A 13 12.02 -8.04 -2.75
N PRO A 14 12.01 -9.35 -3.00
CA PRO A 14 10.98 -10.02 -3.80
C PRO A 14 9.63 -10.00 -3.05
N ALA A 15 8.74 -9.08 -3.42
CA ALA A 15 7.44 -8.76 -2.82
C ALA A 15 7.42 -8.36 -1.30
N MET A 16 8.44 -8.73 -0.53
CA MET A 16 8.39 -8.89 0.92
C MET A 16 8.01 -7.61 1.68
N MET A 17 8.64 -6.47 1.38
CA MET A 17 8.42 -5.24 2.17
C MET A 17 7.07 -4.59 1.87
N ALA A 18 6.67 -4.55 0.60
CA ALA A 18 5.35 -4.05 0.22
C ALA A 18 4.23 -4.97 0.73
N ALA A 19 4.42 -6.30 0.70
CA ALA A 19 3.46 -7.24 1.28
C ALA A 19 3.36 -7.06 2.80
N ALA A 20 4.50 -6.96 3.52
CA ALA A 20 4.50 -6.75 4.97
C ALA A 20 3.80 -5.43 5.39
N GLN A 21 4.00 -4.35 4.61
CA GLN A 21 3.31 -3.08 4.83
C GLN A 21 1.81 -3.20 4.49
N ALA A 22 1.47 -3.64 3.28
CA ALA A 22 0.10 -3.63 2.76
C ALA A 22 -0.79 -4.73 3.34
N ALA A 23 -0.24 -5.78 3.95
CA ALA A 23 -0.96 -6.87 4.59
C ALA A 23 -2.02 -6.37 5.58
N LEU A 24 -1.64 -5.43 6.45
CA LEU A 24 -2.56 -4.82 7.42
C LEU A 24 -3.17 -3.54 6.89
N GLN A 25 -2.44 -2.79 6.05
CA GLN A 25 -2.95 -1.55 5.43
C GLN A 25 -4.19 -1.82 4.56
N SER A 26 -4.33 -3.01 3.97
CA SER A 26 -5.50 -3.41 3.17
C SER A 26 -6.79 -3.34 3.98
N SER A 27 -6.80 -3.75 5.25
CA SER A 27 -7.97 -3.67 6.13
C SER A 27 -8.37 -2.23 6.46
N TRP A 28 -7.43 -1.28 6.41
CA TRP A 28 -7.72 0.16 6.53
C TRP A 28 -8.19 0.76 5.19
N GLY A 29 -7.52 0.39 4.10
CA GLY A 29 -7.87 0.80 2.74
C GLY A 29 -9.25 0.34 2.28
N MET A 30 -9.79 -0.76 2.84
CA MET A 30 -11.17 -1.19 2.65
C MET A 30 -12.21 -0.10 3.00
N MET A 31 -11.91 0.78 3.94
CA MET A 31 -12.77 1.94 4.26
C MET A 31 -12.45 3.14 3.34
N GLY A 32 -11.16 3.44 3.13
CA GLY A 32 -10.71 4.53 2.24
C GLY A 32 -11.24 4.39 0.81
N MET A 33 -11.12 3.23 0.18
CA MET A 33 -11.61 3.00 -1.20
C MET A 33 -13.13 3.22 -1.34
N LEU A 34 -13.91 3.09 -0.27
CA LEU A 34 -15.36 3.35 -0.29
C LEU A 34 -15.68 4.81 0.05
N ALA A 35 -15.01 5.37 1.06
CA ALA A 35 -15.14 6.77 1.48
C ALA A 35 -14.62 7.76 0.44
N SER A 36 -13.66 7.36 -0.39
CA SER A 36 -13.01 8.23 -1.38
C SER A 36 -13.58 8.07 -2.79
N GLN A 37 -14.21 6.93 -3.13
CA GLN A 37 -14.91 6.72 -4.40
C GLN A 37 -16.10 7.67 -4.60
N GLN A 38 -16.98 7.82 -3.61
CA GLN A 38 -18.23 8.58 -3.72
C GLN A 38 -18.53 9.53 -2.55
N ASN A 39 -17.64 9.64 -1.58
CA ASN A 39 -17.72 10.60 -0.46
C ASN A 39 -16.50 11.55 -0.39
N GLN A 40 -15.45 11.31 -1.19
CA GLN A 40 -14.15 12.04 -1.22
C GLN A 40 -13.60 12.48 0.15
N SER A 41 -13.82 11.67 1.20
CA SER A 41 -13.65 12.07 2.60
C SER A 41 -12.23 11.80 3.13
N GLY A 42 -11.23 12.22 2.36
CA GLY A 42 -9.80 11.99 2.64
C GLY A 42 -9.14 10.98 1.68
N PRO A 43 -8.14 10.22 2.15
CA PRO A 43 -7.43 9.18 1.38
C PRO A 43 -8.08 7.79 1.50
N MET A 1 18.72 2.54 -9.54
CA MET A 1 17.70 1.52 -9.28
C MET A 1 16.85 1.96 -8.07
N GLY A 2 17.44 1.94 -6.86
CA GLY A 2 16.83 2.40 -5.61
C GLY A 2 17.73 2.02 -4.43
N GLY A 3 17.26 2.22 -3.21
CA GLY A 3 17.84 1.68 -1.98
C GLY A 3 16.83 0.83 -1.19
N GLY A 4 17.23 0.31 -0.04
CA GLY A 4 16.54 -0.77 0.71
C GLY A 4 15.09 -0.53 1.18
N MET A 5 14.45 0.61 0.89
CA MET A 5 12.99 0.80 1.04
C MET A 5 12.34 1.56 -0.15
N ASN A 6 12.97 1.66 -1.33
CA ASN A 6 12.53 2.54 -2.43
C ASN A 6 11.13 2.25 -3.02
N PHE A 7 10.59 1.05 -2.79
CA PHE A 7 9.24 0.65 -3.25
C PHE A 7 8.67 -0.58 -2.54
N GLY A 8 9.52 -1.37 -1.87
CA GLY A 8 9.12 -2.59 -1.14
C GLY A 8 8.69 -3.79 -2.01
N ALA A 9 8.13 -3.54 -3.21
CA ALA A 9 7.60 -4.59 -4.09
C ALA A 9 8.61 -5.13 -5.12
N PHE A 10 9.72 -4.42 -5.35
CA PHE A 10 10.79 -4.89 -6.25
C PHE A 10 12.14 -4.26 -5.94
N SER A 11 12.17 -2.95 -5.66
CA SER A 11 13.39 -2.14 -5.42
C SER A 11 14.14 -2.46 -4.10
N ILE A 12 13.81 -3.58 -3.44
CA ILE A 12 14.43 -4.09 -2.20
C ILE A 12 14.39 -5.63 -2.18
N ASN A 13 13.27 -6.21 -2.60
CA ASN A 13 12.95 -7.63 -2.54
C ASN A 13 11.87 -7.95 -3.58
N PRO A 14 11.75 -9.22 -4.06
CA PRO A 14 10.69 -9.65 -4.98
C PRO A 14 9.35 -9.70 -4.23
N ALA A 15 8.54 -8.65 -4.37
CA ALA A 15 7.26 -8.40 -3.69
C ALA A 15 7.24 -8.41 -2.15
N MET A 16 8.32 -8.85 -1.48
CA MET A 16 8.27 -9.27 -0.07
C MET A 16 7.87 -8.17 0.91
N MET A 17 8.42 -6.95 0.78
CA MET A 17 8.16 -5.89 1.77
C MET A 17 6.79 -5.25 1.55
N ALA A 18 6.45 -4.91 0.29
CA ALA A 18 5.16 -4.32 -0.02
C ALA A 18 4.00 -5.29 0.29
N ALA A 19 4.16 -6.59 0.01
CA ALA A 19 3.18 -7.59 0.42
C ALA A 19 3.09 -7.67 1.96
N ALA A 20 4.21 -7.74 2.68
CA ALA A 20 4.17 -7.82 4.15
C ALA A 20 3.54 -6.57 4.82
N GLN A 21 3.78 -5.37 4.26
CA GLN A 21 3.19 -4.13 4.76
C GLN A 21 1.68 -4.05 4.40
N ALA A 22 1.34 -4.28 3.13
CA ALA A 22 -0.03 -4.15 2.65
C ALA A 22 -0.94 -5.34 3.01
N ALA A 23 -0.40 -6.49 3.42
CA ALA A 23 -1.15 -7.70 3.79
C ALA A 23 -2.26 -7.41 4.80
N LEU A 24 -1.92 -6.71 5.88
CA LEU A 24 -2.89 -6.33 6.91
C LEU A 24 -3.47 -4.94 6.65
N GLN A 25 -2.67 -4.03 6.07
CA GLN A 25 -3.12 -2.67 5.74
C GLN A 25 -4.31 -2.67 4.78
N SER A 26 -4.41 -3.66 3.87
CA SER A 26 -5.57 -3.83 2.98
C SER A 26 -6.90 -3.89 3.74
N SER A 27 -6.94 -4.56 4.90
CA SER A 27 -8.14 -4.68 5.74
C SER A 27 -8.60 -3.31 6.29
N TRP A 28 -7.66 -2.41 6.57
CA TRP A 28 -7.93 -1.03 6.99
C TRP A 28 -8.24 -0.13 5.80
N GLY A 29 -7.52 -0.33 4.68
CA GLY A 29 -7.69 0.35 3.41
C GLY A 29 -9.05 0.10 2.76
N MET A 30 -9.70 -1.05 3.01
CA MET A 30 -11.09 -1.29 2.61
C MET A 30 -12.04 -0.20 3.13
N MET A 31 -11.86 0.26 4.36
CA MET A 31 -12.68 1.36 4.93
C MET A 31 -12.22 2.71 4.39
N GLY A 32 -10.90 2.91 4.30
CA GLY A 32 -10.28 4.14 3.77
C GLY A 32 -10.67 4.45 2.32
N MET A 33 -10.75 3.44 1.45
CA MET A 33 -11.15 3.58 0.04
C MET A 33 -12.61 3.99 -0.12
N LEU A 34 -13.53 3.47 0.71
CA LEU A 34 -14.95 3.77 0.61
C LEU A 34 -15.24 5.17 1.18
N ALA A 35 -14.62 5.53 2.31
CA ALA A 35 -14.70 6.88 2.87
C ALA A 35 -14.08 7.91 1.91
N SER A 36 -12.86 7.65 1.42
CA SER A 36 -12.12 8.53 0.50
C SER A 36 -12.50 8.34 -0.98
N GLN A 37 -13.73 7.90 -1.24
CA GLN A 37 -14.40 7.97 -2.54
C GLN A 37 -15.49 9.04 -2.49
N GLN A 38 -16.57 8.78 -1.76
CA GLN A 38 -17.77 9.64 -1.76
C GLN A 38 -18.07 10.30 -0.41
N ASN A 39 -17.29 10.03 0.65
CA ASN A 39 -17.51 10.60 1.97
C ASN A 39 -16.53 11.73 2.34
N GLN A 40 -15.31 11.67 1.79
CA GLN A 40 -14.19 12.62 1.99
C GLN A 40 -13.66 13.25 0.68
N SER A 41 -14.33 12.96 -0.45
CA SER A 41 -13.89 13.26 -1.84
C SER A 41 -12.69 12.43 -2.31
N GLY A 42 -12.87 11.67 -3.37
CA GLY A 42 -11.83 10.87 -4.03
C GLY A 42 -11.08 11.60 -5.17
N PRO A 43 -10.06 10.94 -5.74
CA PRO A 43 -9.30 11.39 -6.92
C PRO A 43 -9.99 11.02 -8.26
#